data_3IKT
#
_entry.id   3IKT
#
_cell.length_a   63.150
_cell.length_b   63.150
_cell.length_c   299.260
_cell.angle_alpha   90.00
_cell.angle_beta   90.00
_cell.angle_gamma   120.00
#
_symmetry.space_group_name_H-M   'P 31 2 1'
#
loop_
_entity.id
_entity.type
_entity.pdbx_description
1 polymer 'Redox-sensing transcriptional repressor rex'
2 polymer 'Rex operator DNA'
3 non-polymer NICOTINAMIDE-ADENINE-DINUCLEOTIDE
4 water water
#
loop_
_entity_poly.entity_id
_entity_poly.type
_entity_poly.pdbx_seq_one_letter_code
_entity_poly.pdbx_strand_id
1 'polypeptide(L)'
;GMKVPEAAISRLITYLRILEELEAQGVHRTSSEQLGELAQVTAFQVRKDLSYFGSYGTRGVGYTVPVLKRELRHILGLNR
KWGLCIVGMGRLGSALADYPGFGESFELRGFFDVDPEKVGRPVRGGVIEHVDLLPQRVPGRIEIALLTVPREAAQKAADL
LVAAGIKGILNFAPVVLEVPKEVAVENVDFLAGLTRLSFAILNPKWR
;
A,B
2 'polydeoxyribonucleotide'
;(DC)(DG)(DC)(DT)(DG)(DT)(DG)(DA)(DA)(DC)(DG)(DC)(DG)(DT)(DT)(DC)(DA)(DC)(DA)(DG)
(DC)(DG)
;
C,D
#
# COMPACT_ATOMS: atom_id res chain seq x y z
N GLY A 1 -10.44 22.86 12.70
CA GLY A 1 -11.30 22.13 13.68
C GLY A 1 -10.64 20.86 14.17
N MET A 2 -10.22 20.88 15.44
CA MET A 2 -9.50 19.77 16.10
C MET A 2 -9.93 18.28 15.98
N LYS A 3 -10.62 17.95 14.89
CA LYS A 3 -10.97 16.57 14.62
C LYS A 3 -10.17 16.37 13.35
N VAL A 4 -8.88 16.10 13.52
CA VAL A 4 -7.98 15.91 12.39
C VAL A 4 -8.41 14.77 11.48
N PRO A 5 -8.72 15.08 10.21
CA PRO A 5 -9.13 14.03 9.28
C PRO A 5 -7.93 13.11 9.06
N GLU A 6 -8.18 11.81 8.91
CA GLU A 6 -7.09 10.88 8.71
C GLU A 6 -6.40 11.22 7.38
N ALA A 7 -7.16 11.78 6.44
CA ALA A 7 -6.61 12.16 5.14
C ALA A 7 -5.53 13.25 5.29
N ALA A 8 -5.61 14.02 6.37
CA ALA A 8 -4.62 15.08 6.63
C ALA A 8 -3.27 14.47 7.02
N ILE A 9 -3.30 13.38 7.78
CA ILE A 9 -2.07 12.73 8.21
C ILE A 9 -1.28 12.28 6.99
N SER A 10 -1.97 11.70 6.02
CA SER A 10 -1.33 11.25 4.78
C SER A 10 -0.67 12.41 4.07
N ARG A 11 -1.32 13.56 4.05
CA ARG A 11 -0.73 14.73 3.39
C ARG A 11 0.44 15.29 4.19
N LEU A 12 0.37 15.22 5.51
CA LEU A 12 1.45 15.70 6.35
C LEU A 12 2.70 14.89 6.01
N ILE A 13 2.51 13.59 5.86
CA ILE A 13 3.60 12.69 5.51
C ILE A 13 4.24 13.17 4.20
N THR A 14 3.40 13.54 3.25
CA THR A 14 3.86 14.02 1.96
C THR A 14 4.59 15.36 2.09
N TYR A 15 4.06 16.27 2.91
CA TYR A 15 4.69 17.57 3.10
C TYR A 15 6.11 17.39 3.64
N LEU A 16 6.26 16.48 4.59
CA LEU A 16 7.57 16.20 5.19
C LEU A 16 8.57 15.74 4.14
N ARG A 17 8.16 14.78 3.30
CA ARG A 17 9.04 14.29 2.26
C ARG A 17 9.43 15.43 1.33
N ILE A 18 8.49 16.31 1.03
CA ILE A 18 8.77 17.44 0.15
C ILE A 18 9.80 18.37 0.80
N LEU A 19 9.66 18.55 2.11
CA LEU A 19 10.58 19.39 2.87
C LEU A 19 11.98 18.78 2.89
N GLU A 20 12.07 17.46 3.07
CA GLU A 20 13.36 16.79 3.08
C GLU A 20 14.06 17.11 1.76
N GLU A 21 13.31 16.96 0.67
CA GLU A 21 13.83 17.24 -0.67
C GLU A 21 14.30 18.68 -0.76
N LEU A 22 13.43 19.62 -0.40
CA LEU A 22 13.77 21.03 -0.45
C LEU A 22 15.06 21.31 0.32
N GLU A 23 15.12 20.83 1.56
CA GLU A 23 16.31 21.01 2.40
C GLU A 23 17.52 20.47 1.65
N ALA A 24 17.36 19.31 1.02
CA ALA A 24 18.45 18.69 0.28
C ALA A 24 18.89 19.60 -0.85
N GLN A 25 17.93 20.29 -1.46
CA GLN A 25 18.21 21.22 -2.55
C GLN A 25 18.85 22.50 -2.06
N GLY A 26 18.87 22.70 -0.74
CA GLY A 26 19.47 23.89 -0.18
C GLY A 26 18.47 25.01 0.07
N VAL A 27 17.18 24.71 -0.12
CA VAL A 27 16.14 25.70 0.08
C VAL A 27 15.92 25.93 1.57
N HIS A 28 15.63 27.18 1.95
CA HIS A 28 15.44 27.52 3.35
C HIS A 28 14.06 28.09 3.68
N ARG A 29 13.45 28.75 2.70
CA ARG A 29 12.14 29.36 2.88
C ARG A 29 11.13 28.71 1.94
N THR A 30 9.92 28.46 2.45
CA THR A 30 8.87 27.86 1.64
C THR A 30 7.54 28.54 1.95
N SER A 31 6.52 28.23 1.16
CA SER A 31 5.20 28.82 1.36
C SER A 31 4.14 27.76 1.17
N SER A 32 2.93 28.01 1.69
CA SER A 32 1.86 27.04 1.54
C SER A 32 1.56 26.84 0.05
N GLU A 33 1.92 27.83 -0.75
CA GLU A 33 1.69 27.77 -2.19
C GLU A 33 2.65 26.80 -2.87
N GLN A 34 3.93 26.89 -2.54
CA GLN A 34 4.93 26.00 -3.13
C GLN A 34 4.77 24.57 -2.60
N LEU A 35 4.42 24.46 -1.32
CA LEU A 35 4.21 23.16 -0.70
C LEU A 35 3.03 22.49 -1.40
N GLY A 36 1.95 23.25 -1.57
CA GLY A 36 0.77 22.71 -2.21
C GLY A 36 1.04 22.17 -3.60
N GLU A 37 1.69 22.97 -4.43
CA GLU A 37 1.98 22.56 -5.79
C GLU A 37 2.77 21.26 -5.79
N LEU A 38 3.77 21.17 -4.94
CA LEU A 38 4.60 19.96 -4.86
C LEU A 38 3.85 18.74 -4.34
N ALA A 39 2.83 18.97 -3.52
CA ALA A 39 2.03 17.88 -2.97
C ALA A 39 0.78 17.67 -3.81
N GLN A 40 0.59 18.57 -4.77
CA GLN A 40 -0.57 18.54 -5.66
C GLN A 40 -1.89 18.76 -4.95
N VAL A 41 -1.89 19.67 -3.97
CA VAL A 41 -3.09 20.04 -3.24
C VAL A 41 -3.10 21.57 -3.24
N THR A 42 -4.16 22.19 -2.75
CA THR A 42 -4.23 23.66 -2.75
C THR A 42 -3.50 24.27 -1.56
N ALA A 43 -3.14 25.54 -1.69
CA ALA A 43 -2.46 26.25 -0.64
C ALA A 43 -3.39 26.25 0.58
N PHE A 44 -4.69 26.24 0.30
CA PHE A 44 -5.69 26.21 1.36
C PHE A 44 -5.56 24.92 2.15
N GLN A 45 -5.35 23.83 1.43
CA GLN A 45 -5.22 22.52 2.04
C GLN A 45 -4.05 22.46 3.01
N VAL A 46 -2.88 22.87 2.52
CA VAL A 46 -1.68 22.86 3.34
C VAL A 46 -1.86 23.63 4.65
N ARG A 47 -2.27 24.88 4.55
CA ARG A 47 -2.46 25.72 5.73
C ARG A 47 -3.47 25.14 6.71
N LYS A 48 -4.53 24.52 6.18
CA LYS A 48 -5.56 23.91 7.01
C LYS A 48 -5.03 22.68 7.75
N ASP A 49 -4.26 21.86 7.05
CA ASP A 49 -3.69 20.66 7.66
C ASP A 49 -2.73 21.03 8.80
N LEU A 50 -1.91 22.06 8.57
CA LEU A 50 -0.94 22.51 9.56
C LEU A 50 -1.63 23.10 10.78
N SER A 51 -2.62 23.95 10.52
CA SER A 51 -3.36 24.61 11.58
C SER A 51 -3.95 23.62 12.59
N TYR A 52 -4.19 22.40 12.16
CA TYR A 52 -4.74 21.39 13.08
C TYR A 52 -3.79 21.24 14.27
N PHE A 53 -2.50 21.38 14.01
CA PHE A 53 -1.51 21.21 15.06
C PHE A 53 -0.87 22.49 15.60
N GLY A 54 -0.90 23.57 14.83
CA GLY A 54 -0.29 24.79 15.32
C GLY A 54 -0.01 25.84 14.27
N SER A 55 0.72 26.86 14.69
CA SER A 55 1.08 27.97 13.82
C SER A 55 2.60 27.94 13.69
N TYR A 56 3.09 27.28 12.64
CA TYR A 56 4.52 27.15 12.43
C TYR A 56 5.05 28.13 11.40
N GLY A 57 4.16 28.92 10.83
CA GLY A 57 4.56 29.89 9.83
C GLY A 57 5.03 31.22 10.39
N THR A 58 5.31 32.15 9.50
CA THR A 58 5.77 33.49 9.87
C THR A 58 5.02 34.49 9.00
N GLY A 62 6.21 33.07 5.30
CA GLY A 62 6.00 31.71 4.87
C GLY A 62 6.50 30.72 5.90
N TYR A 63 7.25 29.72 5.44
CA TYR A 63 7.79 28.72 6.34
C TYR A 63 9.27 28.48 6.12
N THR A 64 9.95 28.14 7.22
CA THR A 64 11.38 27.84 7.18
C THR A 64 11.47 26.33 7.07
N VAL A 65 11.91 25.85 5.91
CA VAL A 65 12.04 24.42 5.67
C VAL A 65 12.45 23.62 6.91
N PRO A 66 13.61 23.97 7.51
CA PRO A 66 14.09 23.26 8.71
C PRO A 66 13.11 23.26 9.88
N VAL A 67 12.39 24.36 10.06
CA VAL A 67 11.44 24.44 11.17
C VAL A 67 10.17 23.61 10.96
N LEU A 68 9.64 23.60 9.75
CA LEU A 68 8.44 22.83 9.47
C LEU A 68 8.78 21.34 9.51
N LYS A 69 9.90 20.99 8.89
CA LYS A 69 10.37 19.61 8.85
C LYS A 69 10.45 19.05 10.27
N ARG A 70 10.97 19.85 11.19
CA ARG A 70 11.09 19.43 12.57
C ARG A 70 9.72 19.25 13.21
N GLU A 71 8.85 20.24 13.03
CA GLU A 71 7.51 20.19 13.62
C GLU A 71 6.69 19.01 13.09
N LEU A 72 6.87 18.67 11.81
CA LEU A 72 6.12 17.58 11.23
C LEU A 72 6.58 16.19 11.69
N ARG A 73 7.88 15.93 11.65
CA ARG A 73 8.34 14.62 12.07
C ARG A 73 8.04 14.43 13.56
N HIS A 74 7.74 15.54 14.23
CA HIS A 74 7.40 15.49 15.64
C HIS A 74 5.93 15.11 15.74
N ILE A 75 5.10 15.80 14.97
CA ILE A 75 3.68 15.52 14.96
C ILE A 75 3.43 14.06 14.55
N LEU A 76 4.21 13.59 13.59
CA LEU A 76 4.07 12.23 13.09
C LEU A 76 4.73 11.15 13.96
N GLY A 77 5.39 11.58 15.04
CA GLY A 77 6.02 10.64 15.95
C GLY A 77 7.35 10.10 15.45
N LEU A 78 7.94 10.76 14.48
CA LEU A 78 9.21 10.33 13.93
C LEU A 78 10.42 10.80 14.77
N ASN A 79 10.13 11.40 15.91
CA ASN A 79 11.16 11.92 16.82
C ASN A 79 11.41 10.93 17.95
N ARG A 80 11.44 9.64 17.61
CA ARG A 80 11.68 8.57 18.56
C ARG A 80 12.09 7.35 17.73
N LYS A 81 12.61 6.31 18.36
CA LYS A 81 13.01 5.13 17.62
C LYS A 81 12.02 4.02 17.90
N TRP A 82 11.17 3.73 16.92
CA TRP A 82 10.18 2.67 17.07
C TRP A 82 10.82 1.31 16.88
N GLY A 83 10.40 0.34 17.67
CA GLY A 83 10.92 -1.01 17.52
C GLY A 83 10.02 -1.78 16.55
N LEU A 84 10.60 -2.36 15.51
CA LEU A 84 9.80 -3.13 14.55
C LEU A 84 10.22 -4.59 14.51
N CYS A 85 9.37 -5.41 13.90
CA CYS A 85 9.66 -6.82 13.71
C CYS A 85 8.95 -7.27 12.45
N ILE A 86 9.48 -8.31 11.82
CA ILE A 86 8.88 -8.84 10.63
C ILE A 86 8.34 -10.23 10.94
N VAL A 87 7.07 -10.47 10.64
CA VAL A 87 6.47 -11.77 10.87
C VAL A 87 6.16 -12.34 9.49
N GLY A 88 6.87 -13.41 9.13
CA GLY A 88 6.69 -14.04 7.84
C GLY A 88 7.92 -13.67 7.02
N MET A 89 8.98 -14.47 7.15
CA MET A 89 10.23 -14.19 6.46
C MET A 89 10.39 -14.85 5.09
N GLY A 90 9.42 -14.63 4.20
CA GLY A 90 9.50 -15.18 2.87
C GLY A 90 10.10 -14.17 1.91
N ARG A 91 9.67 -14.17 0.66
CA ARG A 91 10.20 -13.22 -0.32
C ARG A 91 10.02 -11.76 0.11
N LEU A 92 8.79 -11.39 0.45
CA LEU A 92 8.55 -10.01 0.86
C LEU A 92 9.22 -9.73 2.20
N GLY A 93 9.05 -10.63 3.15
CA GLY A 93 9.66 -10.43 4.45
C GLY A 93 11.16 -10.19 4.37
N SER A 94 11.85 -11.00 3.58
CA SER A 94 13.29 -10.88 3.43
C SER A 94 13.69 -9.58 2.74
N ALA A 95 12.92 -9.18 1.73
CA ALA A 95 13.21 -7.94 1.03
C ALA A 95 13.12 -6.77 2.02
N LEU A 96 12.10 -6.81 2.87
CA LEU A 96 11.89 -5.77 3.86
C LEU A 96 13.01 -5.76 4.89
N ALA A 97 13.52 -6.94 5.23
CA ALA A 97 14.60 -7.04 6.21
C ALA A 97 15.88 -6.36 5.71
N ASP A 98 16.06 -6.34 4.40
CA ASP A 98 17.26 -5.74 3.81
C ASP A 98 17.03 -4.35 3.24
N TYR A 99 15.81 -3.83 3.36
CA TYR A 99 15.53 -2.50 2.86
C TYR A 99 16.37 -1.51 3.66
N PRO A 100 17.26 -0.77 2.98
CA PRO A 100 18.11 0.20 3.68
C PRO A 100 17.49 1.58 3.79
N GLY A 101 16.16 1.65 3.80
CA GLY A 101 15.55 2.96 3.87
C GLY A 101 14.53 3.21 4.96
N PHE A 102 14.59 2.45 6.05
CA PHE A 102 13.64 2.65 7.14
C PHE A 102 13.89 4.00 7.80
N GLY A 103 15.16 4.33 7.97
CA GLY A 103 15.50 5.58 8.62
C GLY A 103 15.78 5.34 10.09
N GLU A 104 16.19 6.39 10.79
CA GLU A 104 16.51 6.29 12.21
C GLU A 104 15.28 6.13 13.10
N SER A 105 14.10 6.47 12.59
CA SER A 105 12.88 6.35 13.39
C SER A 105 12.30 4.94 13.49
N PHE A 106 12.73 4.03 12.61
CA PHE A 106 12.22 2.65 12.66
C PHE A 106 13.34 1.63 12.71
N GLU A 107 13.41 0.88 13.82
CA GLU A 107 14.46 -0.12 13.98
C GLU A 107 13.95 -1.55 14.04
N LEU A 108 14.48 -2.40 13.16
CA LEU A 108 14.09 -3.79 13.14
C LEU A 108 14.75 -4.50 14.31
N ARG A 109 13.94 -5.12 15.16
CA ARG A 109 14.45 -5.81 16.33
C ARG A 109 13.98 -7.26 16.42
N GLY A 110 13.38 -7.77 15.36
CA GLY A 110 12.91 -9.14 15.38
C GLY A 110 12.43 -9.63 14.02
N PHE A 111 12.66 -10.91 13.75
CA PHE A 111 12.26 -11.54 12.50
C PHE A 111 11.69 -12.89 12.93
N PHE A 112 10.44 -13.14 12.55
CA PHE A 112 9.78 -14.36 12.96
C PHE A 112 9.20 -15.23 11.84
N ASP A 113 9.04 -16.51 12.13
CA ASP A 113 8.49 -17.45 11.17
C ASP A 113 8.11 -18.76 11.83
N VAL A 114 7.52 -19.68 11.07
CA VAL A 114 7.15 -20.98 11.61
C VAL A 114 7.85 -22.09 10.85
N ASP A 115 8.49 -21.71 9.75
CA ASP A 115 9.19 -22.68 8.93
C ASP A 115 10.44 -23.20 9.65
N PRO A 116 10.42 -24.48 10.04
CA PRO A 116 11.53 -25.12 10.75
C PRO A 116 12.87 -24.84 10.09
N GLU A 117 12.86 -24.60 8.79
CA GLU A 117 14.09 -24.36 8.04
C GLU A 117 14.51 -22.89 7.94
N LYS A 118 13.68 -21.99 8.47
CA LYS A 118 14.04 -20.57 8.45
C LYS A 118 14.40 -20.12 9.86
N VAL A 119 13.82 -20.78 10.86
CA VAL A 119 14.12 -20.43 12.24
C VAL A 119 15.61 -20.72 12.46
N GLY A 120 16.28 -19.86 13.22
CA GLY A 120 17.70 -20.03 13.47
C GLY A 120 18.55 -19.48 12.33
N ARG A 121 17.88 -19.05 11.27
CA ARG A 121 18.56 -18.51 10.10
C ARG A 121 19.02 -17.08 10.39
N PRO A 122 20.32 -16.80 10.22
CA PRO A 122 20.82 -15.45 10.48
C PRO A 122 20.37 -14.47 9.40
N VAL A 123 20.09 -13.25 9.81
CA VAL A 123 19.66 -12.23 8.86
C VAL A 123 20.21 -10.87 9.26
N ARG A 124 20.10 -9.90 8.36
CA ARG A 124 20.59 -8.56 8.62
C ARG A 124 20.10 -8.05 9.97
N GLY A 125 21.04 -7.80 10.87
CA GLY A 125 20.69 -7.29 12.19
C GLY A 125 19.99 -8.28 13.11
N GLY A 126 20.20 -9.58 12.89
CA GLY A 126 19.57 -10.56 13.77
C GLY A 126 19.42 -11.96 13.24
N VAL A 127 18.50 -12.71 13.84
CA VAL A 127 18.25 -14.08 13.43
C VAL A 127 16.74 -14.37 13.48
N ILE A 128 16.29 -15.23 12.59
CA ILE A 128 14.89 -15.59 12.54
C ILE A 128 14.54 -16.49 13.71
N GLU A 129 13.48 -16.13 14.44
CA GLU A 129 13.03 -16.91 15.60
C GLU A 129 11.64 -17.42 15.32
N HIS A 130 11.22 -18.43 16.08
CA HIS A 130 9.89 -19.00 15.93
C HIS A 130 8.89 -18.04 16.55
N VAL A 131 7.75 -17.86 15.89
CA VAL A 131 6.74 -16.94 16.39
C VAL A 131 6.28 -17.25 17.80
N ASP A 132 6.58 -18.46 18.28
CA ASP A 132 6.19 -18.84 19.63
C ASP A 132 6.94 -17.97 20.64
N LEU A 133 8.03 -17.38 20.20
CA LEU A 133 8.84 -16.53 21.07
C LEU A 133 8.36 -15.08 21.15
N LEU A 134 7.31 -14.73 20.41
CA LEU A 134 6.80 -13.36 20.43
C LEU A 134 6.44 -12.85 21.84
N PRO A 135 5.71 -13.64 22.64
CA PRO A 135 5.34 -13.19 23.99
C PRO A 135 6.57 -12.81 24.82
N GLN A 136 7.71 -13.39 24.46
CA GLN A 136 8.97 -13.15 25.15
C GLN A 136 9.87 -12.19 24.40
N ARG A 137 9.38 -11.60 23.33
CA ARG A 137 10.20 -10.70 22.53
C ARG A 137 9.60 -9.31 22.27
N VAL A 138 8.27 -9.22 22.28
CA VAL A 138 7.58 -7.97 22.00
C VAL A 138 7.55 -6.92 23.12
N PRO A 139 7.02 -7.28 24.30
CA PRO A 139 6.93 -6.37 25.45
C PRO A 139 8.15 -5.45 25.66
N GLY A 140 7.92 -4.14 25.59
CA GLY A 140 8.98 -3.18 25.79
C GLY A 140 10.07 -3.07 24.75
N ARG A 141 9.97 -3.85 23.68
CA ARG A 141 11.00 -3.83 22.64
C ARG A 141 10.46 -3.63 21.22
N ILE A 142 9.30 -4.22 20.95
CA ILE A 142 8.70 -4.16 19.62
C ILE A 142 7.27 -3.66 19.65
N GLU A 143 7.04 -2.49 19.06
CA GLU A 143 5.69 -1.91 19.03
C GLU A 143 4.96 -2.16 17.72
N ILE A 144 5.70 -2.23 16.62
CA ILE A 144 5.09 -2.40 15.31
C ILE A 144 5.56 -3.65 14.58
N ALA A 145 4.61 -4.44 14.08
CA ALA A 145 4.95 -5.64 13.34
C ALA A 145 4.56 -5.50 11.89
N LEU A 146 5.47 -5.88 11.00
CA LEU A 146 5.20 -5.86 9.58
C LEU A 146 4.72 -7.29 9.31
N LEU A 147 3.46 -7.42 8.93
CA LEU A 147 2.86 -8.74 8.71
C LEU A 147 2.94 -9.18 7.25
N THR A 148 3.82 -10.15 6.99
CA THR A 148 4.03 -10.65 5.65
C THR A 148 3.92 -12.17 5.47
N VAL A 149 2.90 -12.76 6.08
CA VAL A 149 2.65 -14.20 5.95
C VAL A 149 1.56 -14.35 4.87
N PRO A 150 1.32 -15.59 4.40
CA PRO A 150 0.29 -15.77 3.37
C PRO A 150 -1.09 -15.35 3.87
N ARG A 151 -1.98 -15.06 2.94
CA ARG A 151 -3.35 -14.67 3.25
C ARG A 151 -4.03 -15.57 4.28
N GLU A 152 -4.00 -16.88 4.06
CA GLU A 152 -4.67 -17.82 4.97
C GLU A 152 -4.11 -17.86 6.37
N ALA A 153 -2.89 -17.33 6.56
CA ALA A 153 -2.26 -17.34 7.87
C ALA A 153 -2.31 -16.00 8.60
N ALA A 154 -2.64 -14.93 7.88
CA ALA A 154 -2.66 -13.59 8.47
C ALA A 154 -3.47 -13.35 9.75
N GLN A 155 -4.73 -13.74 9.78
CA GLN A 155 -5.56 -13.51 10.96
C GLN A 155 -4.98 -14.16 12.21
N LYS A 156 -4.53 -15.40 12.06
CA LYS A 156 -3.97 -16.13 13.19
C LYS A 156 -2.67 -15.50 13.64
N ALA A 157 -1.83 -15.07 12.69
CA ALA A 157 -0.56 -14.45 13.06
C ALA A 157 -0.84 -13.12 13.79
N ALA A 158 -1.87 -12.41 13.33
CA ALA A 158 -2.23 -11.15 13.95
C ALA A 158 -2.72 -11.40 15.39
N ASP A 159 -3.43 -12.52 15.59
CA ASP A 159 -3.93 -12.87 16.92
C ASP A 159 -2.76 -13.08 17.89
N LEU A 160 -1.70 -13.71 17.38
CA LEU A 160 -0.51 -13.98 18.19
C LEU A 160 0.25 -12.68 18.49
N LEU A 161 0.29 -11.77 17.53
CA LEU A 161 0.98 -10.51 17.73
C LEU A 161 0.20 -9.71 18.78
N VAL A 162 -1.13 -9.73 18.69
CA VAL A 162 -1.96 -9.02 19.66
C VAL A 162 -1.73 -9.60 21.06
N ALA A 163 -1.89 -10.91 21.19
CA ALA A 163 -1.69 -11.55 22.48
C ALA A 163 -0.31 -11.24 23.03
N ALA A 164 0.67 -11.08 22.15
CA ALA A 164 2.04 -10.78 22.58
C ALA A 164 2.26 -9.34 23.03
N GLY A 165 1.28 -8.47 22.77
CA GLY A 165 1.40 -7.08 23.18
C GLY A 165 1.79 -6.06 22.11
N ILE A 166 1.63 -6.40 20.84
CA ILE A 166 1.98 -5.47 19.75
C ILE A 166 1.03 -4.26 19.81
N LYS A 167 1.50 -3.10 19.37
CA LYS A 167 0.66 -1.90 19.39
C LYS A 167 0.13 -1.53 18.00
N GLY A 168 0.89 -1.89 16.98
CA GLY A 168 0.47 -1.59 15.62
C GLY A 168 0.88 -2.67 14.64
N ILE A 169 0.02 -2.91 13.65
CA ILE A 169 0.34 -3.92 12.64
C ILE A 169 0.25 -3.33 11.24
N LEU A 170 1.33 -3.47 10.49
CA LEU A 170 1.38 -3.01 9.12
C LEU A 170 1.11 -4.30 8.35
N ASN A 171 -0.12 -4.43 7.86
CA ASN A 171 -0.59 -5.62 7.15
C ASN A 171 -0.41 -5.63 5.64
N PHE A 172 0.42 -6.55 5.16
CA PHE A 172 0.66 -6.69 3.73
C PHE A 172 -0.20 -7.78 3.08
N ALA A 173 -1.05 -8.43 3.87
CA ALA A 173 -1.89 -9.49 3.34
C ALA A 173 -3.25 -8.94 2.91
N PRO A 174 -3.81 -9.50 1.82
CA PRO A 174 -5.11 -9.07 1.27
C PRO A 174 -6.32 -9.57 2.05
N VAL A 175 -6.38 -9.24 3.33
CA VAL A 175 -7.49 -9.64 4.17
C VAL A 175 -7.75 -8.50 5.13
N VAL A 176 -8.96 -8.46 5.69
CA VAL A 176 -9.30 -7.43 6.65
C VAL A 176 -9.10 -8.07 8.03
N LEU A 177 -8.10 -7.58 8.75
CA LEU A 177 -7.78 -8.12 10.06
C LEU A 177 -8.73 -7.70 11.17
N GLU A 178 -9.01 -8.64 12.06
CA GLU A 178 -9.86 -8.36 13.22
C GLU A 178 -8.89 -8.30 14.39
N VAL A 179 -8.80 -7.13 15.03
CA VAL A 179 -7.91 -6.96 16.18
C VAL A 179 -8.61 -6.08 17.19
N PRO A 180 -8.20 -6.14 18.47
CA PRO A 180 -8.82 -5.31 19.50
C PRO A 180 -8.73 -3.83 19.14
N LYS A 181 -9.73 -3.08 19.56
CA LYS A 181 -9.79 -1.64 19.32
C LYS A 181 -8.45 -0.95 19.55
N GLU A 182 -7.77 -1.31 20.64
CA GLU A 182 -6.50 -0.68 20.98
C GLU A 182 -5.26 -1.06 20.16
N VAL A 183 -5.42 -1.91 19.14
CA VAL A 183 -4.28 -2.26 18.32
C VAL A 183 -4.52 -1.56 16.98
N ALA A 184 -3.58 -0.73 16.57
CA ALA A 184 -3.70 0.01 15.31
C ALA A 184 -3.31 -0.87 14.13
N VAL A 185 -4.02 -0.71 13.02
CA VAL A 185 -3.74 -1.48 11.82
C VAL A 185 -3.69 -0.61 10.59
N GLU A 186 -2.66 -0.81 9.76
CA GLU A 186 -2.52 -0.08 8.51
C GLU A 186 -2.25 -1.10 7.42
N ASN A 187 -2.99 -1.04 6.32
CA ASN A 187 -2.77 -1.99 5.23
C ASN A 187 -1.95 -1.41 4.07
N VAL A 188 -1.06 -2.23 3.53
CA VAL A 188 -0.25 -1.86 2.36
C VAL A 188 -0.68 -3.01 1.45
N ASP A 189 -1.60 -2.68 0.54
CA ASP A 189 -2.24 -3.68 -0.32
C ASP A 189 -1.96 -3.44 -1.79
N PHE A 190 -0.95 -4.09 -2.34
CA PHE A 190 -0.63 -3.86 -3.73
C PHE A 190 -1.62 -4.46 -4.71
N LEU A 191 -2.24 -5.59 -4.37
CA LEU A 191 -3.24 -6.17 -5.27
C LEU A 191 -4.45 -5.25 -5.38
N ALA A 192 -4.77 -4.55 -4.30
CA ALA A 192 -5.89 -3.62 -4.30
C ALA A 192 -5.52 -2.44 -5.19
N GLY A 193 -4.27 -1.98 -5.07
CA GLY A 193 -3.83 -0.88 -5.91
C GLY A 193 -3.93 -1.26 -7.38
N LEU A 194 -3.54 -2.49 -7.69
CA LEU A 194 -3.60 -3.01 -9.05
C LEU A 194 -5.04 -2.99 -9.56
N THR A 195 -5.96 -3.48 -8.74
CA THR A 195 -7.36 -3.53 -9.14
C THR A 195 -7.93 -2.12 -9.29
N ARG A 196 -7.47 -1.18 -8.46
CA ARG A 196 -7.93 0.21 -8.56
C ARG A 196 -7.47 0.77 -9.90
N LEU A 197 -6.22 0.46 -10.29
CA LEU A 197 -5.71 0.93 -11.57
C LEU A 197 -6.57 0.39 -12.70
N SER A 198 -6.92 -0.90 -12.60
CA SER A 198 -7.77 -1.54 -13.60
C SER A 198 -9.07 -0.73 -13.75
N PHE A 199 -9.68 -0.38 -12.61
CA PHE A 199 -10.91 0.39 -12.63
C PHE A 199 -10.68 1.78 -13.21
N ALA A 200 -9.62 2.44 -12.77
CA ALA A 200 -9.30 3.78 -13.26
C ALA A 200 -9.13 3.79 -14.78
N ILE A 201 -8.40 2.81 -15.30
CA ILE A 201 -8.16 2.75 -16.73
C ILE A 201 -9.46 2.58 -17.52
N LEU A 202 -10.40 1.82 -16.97
CA LEU A 202 -11.66 1.59 -17.67
C LEU A 202 -12.69 2.70 -17.47
N ASN A 203 -12.41 3.63 -16.56
CA ASN A 203 -13.32 4.73 -16.29
C ASN A 203 -12.56 6.04 -16.24
N PRO A 204 -11.89 6.39 -17.35
CA PRO A 204 -11.11 7.63 -17.44
C PRO A 204 -11.93 8.89 -17.22
N LYS A 205 -13.15 8.92 -17.75
CA LYS A 205 -14.01 10.09 -17.59
C LYS A 205 -14.26 10.26 -16.10
N TRP A 206 -14.56 9.13 -15.44
CA TRP A 206 -14.77 9.12 -14.00
C TRP A 206 -13.50 9.71 -13.38
N ARG A 207 -12.42 9.62 -14.16
CA ARG A 207 -11.10 10.11 -13.76
C ARG A 207 -10.54 9.25 -12.64
N MET B 2 -25.22 7.46 -8.05
CA MET B 2 -24.94 7.59 -9.51
C MET B 2 -23.45 7.87 -9.76
N LYS B 3 -22.88 8.74 -8.94
CA LYS B 3 -21.48 9.12 -9.05
C LYS B 3 -20.75 8.40 -7.90
N VAL B 4 -19.76 7.58 -8.25
CA VAL B 4 -19.04 6.75 -7.32
C VAL B 4 -17.80 7.26 -6.59
N PRO B 5 -17.88 7.37 -5.27
CA PRO B 5 -16.71 7.85 -4.52
C PRO B 5 -15.63 6.76 -4.63
N GLU B 6 -14.36 7.16 -4.63
CA GLU B 6 -13.28 6.20 -4.76
C GLU B 6 -13.15 5.28 -3.55
N ALA B 7 -13.71 5.71 -2.43
CA ALA B 7 -13.65 4.90 -1.21
C ALA B 7 -14.50 3.64 -1.43
N ALA B 8 -15.48 3.75 -2.31
CA ALA B 8 -16.38 2.63 -2.60
C ALA B 8 -15.68 1.55 -3.41
N ILE B 9 -14.83 1.96 -4.33
CA ILE B 9 -14.10 1.02 -5.18
C ILE B 9 -13.24 0.13 -4.29
N SER B 10 -12.59 0.74 -3.29
CA SER B 10 -11.75 -0.01 -2.37
C SER B 10 -12.58 -1.03 -1.62
N ARG B 11 -13.76 -0.63 -1.17
CA ARG B 11 -14.63 -1.56 -0.46
C ARG B 11 -15.12 -2.67 -1.39
N LEU B 12 -15.37 -2.36 -2.66
CA LEU B 12 -15.83 -3.42 -3.57
C LEU B 12 -14.74 -4.49 -3.66
N ILE B 13 -13.48 -4.05 -3.71
CA ILE B 13 -12.35 -4.98 -3.81
C ILE B 13 -12.36 -5.90 -2.59
N THR B 14 -12.70 -5.35 -1.44
CA THR B 14 -12.78 -6.13 -0.22
C THR B 14 -13.96 -7.09 -0.25
N TYR B 15 -15.12 -6.64 -0.75
CA TYR B 15 -16.28 -7.52 -0.83
C TYR B 15 -15.98 -8.73 -1.73
N LEU B 16 -15.34 -8.49 -2.86
CA LEU B 16 -15.03 -9.58 -3.78
C LEU B 16 -14.12 -10.62 -3.12
N ARG B 17 -13.17 -10.18 -2.31
CA ARG B 17 -12.28 -11.12 -1.63
C ARG B 17 -13.07 -11.97 -0.66
N ILE B 18 -14.05 -11.34 0.01
CA ILE B 18 -14.88 -12.06 0.96
C ILE B 18 -15.74 -13.09 0.22
N LEU B 19 -16.20 -12.72 -0.96
CA LEU B 19 -17.02 -13.61 -1.77
C LEU B 19 -16.21 -14.82 -2.24
N GLU B 20 -14.96 -14.59 -2.63
CA GLU B 20 -14.09 -15.69 -3.07
C GLU B 20 -13.89 -16.64 -1.90
N GLU B 21 -13.77 -16.09 -0.71
CA GLU B 21 -13.58 -16.90 0.49
C GLU B 21 -14.86 -17.67 0.83
N LEU B 22 -16.01 -17.01 0.74
CA LEU B 22 -17.27 -17.69 1.03
C LEU B 22 -17.47 -18.83 0.05
N GLU B 23 -17.12 -18.59 -1.21
CA GLU B 23 -17.26 -19.64 -2.23
C GLU B 23 -16.35 -20.82 -1.88
N ALA B 24 -15.13 -20.51 -1.45
CA ALA B 24 -14.18 -21.54 -1.09
C ALA B 24 -14.72 -22.36 0.07
N GLN B 25 -15.56 -21.74 0.90
CA GLN B 25 -16.14 -22.42 2.04
C GLN B 25 -17.48 -23.09 1.71
N GLY B 26 -17.85 -23.07 0.44
CA GLY B 26 -19.11 -23.69 0.02
C GLY B 26 -20.40 -22.90 0.26
N VAL B 27 -20.28 -21.63 0.64
CA VAL B 27 -21.46 -20.79 0.88
C VAL B 27 -22.02 -20.29 -0.46
N HIS B 28 -23.28 -20.60 -0.73
CA HIS B 28 -23.91 -20.19 -1.99
C HIS B 28 -24.69 -18.88 -1.87
N ARG B 29 -25.12 -18.56 -0.66
CA ARG B 29 -25.90 -17.35 -0.44
C ARG B 29 -25.37 -16.51 0.72
N THR B 30 -25.42 -15.18 0.57
CA THR B 30 -24.95 -14.29 1.63
C THR B 30 -25.92 -13.11 1.76
N SER B 31 -25.57 -12.11 2.55
CA SER B 31 -26.45 -10.96 2.73
C SER B 31 -25.64 -9.70 2.93
N SER B 32 -26.29 -8.55 2.85
CA SER B 32 -25.55 -7.30 3.05
C SER B 32 -25.04 -7.27 4.49
N GLU B 33 -25.78 -7.88 5.39
CA GLU B 33 -25.36 -7.93 6.79
C GLU B 33 -24.11 -8.80 6.98
N GLN B 34 -24.09 -9.99 6.38
CA GLN B 34 -22.91 -10.84 6.53
C GLN B 34 -21.71 -10.21 5.81
N LEU B 35 -21.94 -9.71 4.60
CA LEU B 35 -20.87 -9.07 3.85
C LEU B 35 -20.29 -7.92 4.64
N GLY B 36 -21.16 -7.12 5.25
CA GLY B 36 -20.69 -5.98 6.02
C GLY B 36 -19.85 -6.40 7.22
N GLU B 37 -20.34 -7.41 7.92
CA GLU B 37 -19.66 -7.95 9.10
C GLU B 37 -18.25 -8.43 8.76
N LEU B 38 -18.12 -9.13 7.64
CA LEU B 38 -16.82 -9.65 7.23
C LEU B 38 -15.90 -8.53 6.71
N ALA B 39 -16.48 -7.46 6.17
CA ALA B 39 -15.68 -6.35 5.65
C ALA B 39 -15.52 -5.25 6.69
N GLN B 40 -16.14 -5.44 7.84
CA GLN B 40 -16.10 -4.47 8.92
C GLN B 40 -16.67 -3.11 8.50
N VAL B 41 -17.82 -3.15 7.83
CA VAL B 41 -18.54 -1.93 7.43
C VAL B 41 -20.00 -2.29 7.66
N THR B 42 -20.89 -1.31 7.61
CA THR B 42 -22.30 -1.57 7.85
C THR B 42 -22.97 -2.19 6.63
N ALA B 43 -24.11 -2.85 6.87
CA ALA B 43 -24.88 -3.45 5.80
C ALA B 43 -25.34 -2.31 4.89
N PHE B 44 -25.65 -1.15 5.48
CA PHE B 44 -26.10 0.02 4.71
C PHE B 44 -25.05 0.34 3.64
N GLN B 45 -23.80 0.42 4.07
CA GLN B 45 -22.70 0.74 3.17
C GLN B 45 -22.55 -0.26 2.05
N VAL B 46 -22.67 -1.55 2.36
CA VAL B 46 -22.54 -2.57 1.32
C VAL B 46 -23.57 -2.36 0.22
N ARG B 47 -24.84 -2.25 0.61
CA ARG B 47 -25.91 -2.06 -0.34
C ARG B 47 -25.77 -0.77 -1.15
N LYS B 48 -25.29 0.28 -0.50
CA LYS B 48 -25.10 1.55 -1.19
C LYS B 48 -23.97 1.41 -2.22
N ASP B 49 -22.88 0.78 -1.82
CA ASP B 49 -21.75 0.58 -2.72
C ASP B 49 -22.18 -0.16 -3.98
N LEU B 50 -22.89 -1.27 -3.79
CA LEU B 50 -23.35 -2.08 -4.92
C LEU B 50 -24.36 -1.32 -5.80
N SER B 51 -25.26 -0.57 -5.18
CA SER B 51 -26.27 0.17 -5.91
C SER B 51 -25.67 1.16 -6.91
N TYR B 52 -24.44 1.61 -6.66
CA TYR B 52 -23.80 2.55 -7.59
C TYR B 52 -23.70 1.92 -8.98
N PHE B 53 -23.70 0.59 -9.03
CA PHE B 53 -23.56 -0.09 -10.30
C PHE B 53 -24.75 -0.90 -10.71
N GLY B 54 -25.50 -1.43 -9.75
CA GLY B 54 -26.65 -2.22 -10.15
C GLY B 54 -27.39 -2.94 -9.04
N SER B 55 -28.39 -3.71 -9.45
CA SER B 55 -29.21 -4.49 -8.54
C SER B 55 -28.86 -5.94 -8.80
N TYR B 56 -27.97 -6.48 -7.98
CA TYR B 56 -27.48 -7.85 -8.14
C TYR B 56 -28.03 -8.79 -7.10
N GLY B 57 -28.83 -8.26 -6.18
CA GLY B 57 -29.38 -9.11 -5.15
C GLY B 57 -30.78 -9.59 -5.47
N THR B 58 -31.35 -10.33 -4.53
CA THR B 58 -32.70 -10.85 -4.65
C THR B 58 -33.42 -10.33 -3.42
N ARG B 59 -34.39 -9.46 -3.66
CA ARG B 59 -35.16 -8.85 -2.59
C ARG B 59 -35.74 -9.87 -1.63
N GLY B 60 -35.68 -9.54 -0.33
CA GLY B 60 -36.20 -10.42 0.69
C GLY B 60 -35.39 -11.69 0.87
N VAL B 61 -34.33 -11.86 0.11
CA VAL B 61 -33.52 -13.07 0.21
C VAL B 61 -32.04 -12.79 0.53
N GLY B 62 -31.38 -12.00 -0.31
CA GLY B 62 -29.97 -11.69 -0.10
C GLY B 62 -29.21 -11.77 -1.43
N TYR B 63 -27.93 -12.14 -1.39
CA TYR B 63 -27.15 -12.25 -2.63
C TYR B 63 -26.60 -13.64 -2.86
N THR B 64 -26.65 -14.07 -4.12
CA THR B 64 -26.10 -15.35 -4.52
C THR B 64 -24.60 -15.10 -4.69
N VAL B 65 -23.80 -15.83 -3.94
CA VAL B 65 -22.34 -15.66 -3.97
C VAL B 65 -21.66 -15.70 -5.35
N PRO B 66 -21.92 -16.73 -6.17
CA PRO B 66 -21.32 -16.84 -7.50
C PRO B 66 -21.70 -15.66 -8.40
N VAL B 67 -22.92 -15.18 -8.23
CA VAL B 67 -23.43 -14.08 -9.03
C VAL B 67 -22.78 -12.76 -8.67
N LEU B 68 -22.81 -12.40 -7.39
CA LEU B 68 -22.21 -11.13 -6.97
C LEU B 68 -20.72 -11.13 -7.29
N LYS B 69 -20.08 -12.28 -7.09
CA LYS B 69 -18.66 -12.42 -7.39
C LYS B 69 -18.40 -12.07 -8.86
N ARG B 70 -19.16 -12.68 -9.76
CA ARG B 70 -18.98 -12.41 -11.17
C ARG B 70 -19.23 -10.93 -11.49
N GLU B 71 -20.30 -10.37 -10.94
CA GLU B 71 -20.64 -8.96 -11.17
C GLU B 71 -19.55 -8.01 -10.67
N LEU B 72 -18.97 -8.30 -9.50
CA LEU B 72 -17.92 -7.44 -8.97
C LEU B 72 -16.64 -7.54 -9.78
N ARG B 73 -16.32 -8.73 -10.26
CA ARG B 73 -15.11 -8.90 -11.05
C ARG B 73 -15.28 -8.09 -12.34
N HIS B 74 -16.51 -8.01 -12.80
CA HIS B 74 -16.82 -7.29 -14.02
C HIS B 74 -16.64 -5.78 -13.83
N ILE B 75 -17.25 -5.26 -12.76
CA ILE B 75 -17.15 -3.84 -12.45
C ILE B 75 -15.68 -3.43 -12.28
N LEU B 76 -14.93 -4.27 -11.59
CA LEU B 76 -13.51 -4.00 -11.30
C LEU B 76 -12.55 -4.15 -12.49
N GLY B 77 -13.03 -4.75 -13.57
CA GLY B 77 -12.17 -4.94 -14.74
C GLY B 77 -11.29 -6.17 -14.59
N LEU B 78 -11.71 -7.11 -13.75
CA LEU B 78 -10.95 -8.33 -13.55
C LEU B 78 -11.36 -9.41 -14.55
N ASN B 79 -12.41 -9.13 -15.33
CA ASN B 79 -12.91 -10.08 -16.33
C ASN B 79 -12.14 -9.95 -17.63
N ARG B 80 -10.86 -9.62 -17.52
CA ARG B 80 -9.97 -9.48 -18.68
C ARG B 80 -8.54 -9.85 -18.26
N LYS B 81 -7.62 -9.79 -19.20
CA LYS B 81 -6.23 -10.09 -18.89
C LYS B 81 -5.36 -8.88 -19.17
N TRP B 82 -5.04 -8.13 -18.12
CA TRP B 82 -4.22 -6.95 -18.27
C TRP B 82 -2.76 -7.33 -18.49
N GLY B 83 -2.06 -6.50 -19.27
CA GLY B 83 -0.66 -6.72 -19.54
C GLY B 83 0.16 -5.84 -18.60
N LEU B 84 1.05 -6.46 -17.84
CA LEU B 84 1.89 -5.73 -16.89
C LEU B 84 3.38 -5.91 -17.10
N CYS B 85 4.15 -5.01 -16.51
CA CYS B 85 5.60 -5.08 -16.57
C CYS B 85 6.14 -4.55 -15.24
N ILE B 86 7.37 -4.92 -14.94
CA ILE B 86 8.03 -4.47 -13.72
C ILE B 86 9.24 -3.61 -14.12
N VAL B 87 9.29 -2.40 -13.60
CA VAL B 87 10.42 -1.52 -13.89
C VAL B 87 11.20 -1.29 -12.61
N GLY B 88 12.39 -1.86 -12.55
CA GLY B 88 13.24 -1.76 -11.37
C GLY B 88 13.35 -3.15 -10.77
N MET B 89 14.25 -3.96 -11.30
CA MET B 89 14.39 -5.33 -10.81
C MET B 89 15.27 -5.53 -9.58
N GLY B 90 15.09 -4.66 -8.59
CA GLY B 90 15.83 -4.81 -7.36
C GLY B 90 15.20 -5.95 -6.57
N ARG B 91 15.23 -5.85 -5.24
CA ARG B 91 14.67 -6.91 -4.39
C ARG B 91 13.14 -6.98 -4.47
N LEU B 92 12.48 -5.83 -4.56
CA LEU B 92 11.03 -5.81 -4.65
C LEU B 92 10.57 -6.33 -6.01
N GLY B 93 11.18 -5.80 -7.07
CA GLY B 93 10.84 -6.23 -8.41
C GLY B 93 11.07 -7.70 -8.61
N SER B 94 12.18 -8.21 -8.08
CA SER B 94 12.49 -9.63 -8.22
C SER B 94 11.49 -10.45 -7.42
N ALA B 95 11.05 -9.90 -6.28
CA ALA B 95 10.08 -10.59 -5.44
C ALA B 95 8.73 -10.66 -6.16
N LEU B 96 8.37 -9.56 -6.83
CA LEU B 96 7.11 -9.50 -7.56
C LEU B 96 7.05 -10.47 -8.75
N ALA B 97 8.16 -10.61 -9.47
CA ALA B 97 8.21 -11.52 -10.61
C ALA B 97 7.93 -12.94 -10.15
N ASP B 98 8.23 -13.21 -8.89
CA ASP B 98 8.01 -14.53 -8.32
C ASP B 98 6.68 -14.67 -7.58
N TYR B 99 5.98 -13.55 -7.40
CA TYR B 99 4.71 -13.58 -6.70
C TYR B 99 3.72 -14.46 -7.46
N PRO B 100 3.29 -15.57 -6.85
CA PRO B 100 2.34 -16.50 -7.49
C PRO B 100 0.89 -16.08 -7.30
N GLY B 101 0.67 -14.81 -6.96
CA GLY B 101 -0.68 -14.36 -6.71
C GLY B 101 -1.33 -13.33 -7.61
N PHE B 102 -0.79 -13.09 -8.80
CA PHE B 102 -1.39 -12.11 -9.70
C PHE B 102 -2.71 -12.63 -10.26
N GLY B 103 -2.84 -13.95 -10.37
CA GLY B 103 -4.06 -14.51 -10.90
C GLY B 103 -4.17 -14.32 -12.39
N GLU B 104 -5.30 -14.75 -12.95
CA GLU B 104 -5.53 -14.65 -14.39
C GLU B 104 -5.78 -13.26 -14.95
N SER B 105 -6.06 -12.29 -14.09
CA SER B 105 -6.36 -10.94 -14.56
C SER B 105 -5.13 -10.08 -14.83
N PHE B 106 -3.98 -10.49 -14.31
CA PHE B 106 -2.77 -9.72 -14.50
C PHE B 106 -1.65 -10.62 -14.95
N GLU B 107 -1.09 -10.32 -16.11
CA GLU B 107 0.00 -11.13 -16.67
C GLU B 107 1.26 -10.31 -16.91
N LEU B 108 2.36 -10.77 -16.33
CA LEU B 108 3.64 -10.09 -16.49
C LEU B 108 4.18 -10.36 -17.89
N ARG B 109 4.52 -9.30 -18.60
CA ARG B 109 5.02 -9.44 -19.96
C ARG B 109 6.37 -8.75 -20.19
N GLY B 110 6.80 -7.96 -19.21
CA GLY B 110 8.08 -7.28 -19.36
C GLY B 110 8.74 -6.99 -18.03
N PHE B 111 10.06 -6.97 -18.04
CA PHE B 111 10.85 -6.68 -16.85
C PHE B 111 11.96 -5.77 -17.33
N PHE B 112 11.93 -4.52 -16.89
CA PHE B 112 12.92 -3.55 -17.34
C PHE B 112 13.81 -2.99 -16.23
N ASP B 113 14.97 -2.49 -16.64
CA ASP B 113 15.95 -1.91 -15.72
C ASP B 113 17.07 -1.32 -16.56
N VAL B 114 18.07 -0.72 -15.92
CA VAL B 114 19.18 -0.13 -16.65
C VAL B 114 20.55 -0.63 -16.18
N ASP B 115 20.54 -1.51 -15.18
CA ASP B 115 21.78 -2.04 -14.64
C ASP B 115 22.36 -3.14 -15.53
N PRO B 116 23.61 -2.97 -15.99
CA PRO B 116 24.27 -3.94 -16.85
C PRO B 116 24.26 -5.35 -16.26
N GLU B 117 24.44 -5.42 -14.95
CA GLU B 117 24.43 -6.70 -14.24
C GLU B 117 23.08 -7.37 -14.38
N LYS B 118 22.02 -6.62 -14.11
CA LYS B 118 20.66 -7.13 -14.18
C LYS B 118 20.16 -7.39 -15.60
N VAL B 119 20.19 -6.35 -16.43
CA VAL B 119 19.74 -6.47 -17.81
C VAL B 119 20.27 -7.75 -18.44
N GLY B 120 19.39 -8.52 -19.06
CA GLY B 120 19.80 -9.76 -19.69
C GLY B 120 19.57 -10.99 -18.84
N ARG B 121 19.33 -10.77 -17.55
CA ARG B 121 19.11 -11.90 -16.65
C ARG B 121 17.73 -12.52 -16.87
N PRO B 122 17.67 -13.85 -16.97
CA PRO B 122 16.40 -14.55 -17.18
C PRO B 122 15.64 -14.66 -15.87
N VAL B 123 14.36 -14.30 -15.89
CA VAL B 123 13.53 -14.36 -14.70
C VAL B 123 12.24 -15.12 -14.96
N ARG B 124 11.52 -15.46 -13.88
CA ARG B 124 10.26 -16.17 -13.99
C ARG B 124 9.45 -15.63 -15.17
N GLY B 125 9.15 -16.50 -16.12
CA GLY B 125 8.38 -16.11 -17.29
C GLY B 125 8.94 -14.97 -18.10
N GLY B 126 10.26 -14.89 -18.22
CA GLY B 126 10.83 -13.81 -19.00
C GLY B 126 12.33 -13.59 -18.86
N VAL B 127 12.76 -12.41 -19.26
CA VAL B 127 14.16 -12.03 -19.19
C VAL B 127 14.30 -10.51 -19.14
N ILE B 128 15.03 -10.03 -18.13
CA ILE B 128 15.24 -8.61 -17.95
C ILE B 128 15.77 -7.93 -19.22
N GLU B 129 15.26 -6.73 -19.49
CA GLU B 129 15.68 -5.96 -20.64
C GLU B 129 15.97 -4.53 -20.19
N HIS B 130 16.51 -3.73 -21.10
CA HIS B 130 16.84 -2.34 -20.80
C HIS B 130 15.59 -1.49 -21.01
N VAL B 131 15.44 -0.44 -20.21
CA VAL B 131 14.27 0.42 -20.31
C VAL B 131 13.99 1.05 -21.66
N ASP B 132 15.03 1.45 -22.40
CA ASP B 132 14.79 2.08 -23.70
C ASP B 132 14.02 1.19 -24.67
N LEU B 133 13.81 -0.07 -24.30
CA LEU B 133 13.05 -1.00 -25.15
C LEU B 133 11.56 -0.94 -24.81
N LEU B 134 11.20 -0.01 -23.92
CA LEU B 134 9.81 0.16 -23.50
C LEU B 134 8.94 0.61 -24.68
N PRO B 135 9.41 1.62 -25.44
CA PRO B 135 8.64 2.11 -26.60
C PRO B 135 8.36 1.00 -27.60
N GLN B 136 9.21 -0.01 -27.58
CA GLN B 136 9.09 -1.14 -28.50
C GLN B 136 8.66 -2.43 -27.80
N ARG B 137 7.92 -2.28 -26.70
CA ARG B 137 7.42 -3.41 -25.93
C ARG B 137 6.10 -3.08 -25.23
N VAL B 138 5.86 -1.79 -24.99
CA VAL B 138 4.63 -1.34 -24.31
C VAL B 138 3.36 -1.31 -25.15
N PRO B 139 3.32 -0.47 -26.21
CA PRO B 139 2.13 -0.38 -27.06
C PRO B 139 1.44 -1.72 -27.36
N GLY B 140 0.14 -1.76 -27.06
CA GLY B 140 -0.64 -2.96 -27.31
C GLY B 140 -0.33 -4.20 -26.49
N ARG B 141 0.72 -4.17 -25.68
CA ARG B 141 1.10 -5.34 -24.89
C ARG B 141 1.08 -5.10 -23.38
N ILE B 142 1.44 -3.90 -22.96
CA ILE B 142 1.50 -3.58 -21.54
C ILE B 142 0.73 -2.33 -21.20
N GLU B 143 -0.28 -2.46 -20.34
CA GLU B 143 -1.11 -1.34 -19.93
C GLU B 143 -0.66 -0.77 -18.59
N ILE B 144 -0.24 -1.66 -17.69
CA ILE B 144 0.16 -1.27 -16.34
C ILE B 144 1.61 -1.56 -15.99
N ALA B 145 2.26 -0.58 -15.37
CA ALA B 145 3.65 -0.76 -14.97
C ALA B 145 3.79 -0.73 -13.46
N LEU B 146 4.54 -1.70 -12.92
CA LEU B 146 4.79 -1.75 -11.49
C LEU B 146 6.12 -1.01 -11.33
N LEU B 147 6.08 0.20 -10.79
CA LEU B 147 7.30 0.99 -10.63
C LEU B 147 8.02 0.74 -9.31
N THR B 148 9.14 0.01 -9.39
CA THR B 148 9.95 -0.34 -8.23
C THR B 148 11.42 0.08 -8.35
N VAL B 149 11.66 1.37 -8.57
CA VAL B 149 13.03 1.88 -8.67
C VAL B 149 13.28 2.77 -7.44
N PRO B 150 14.54 3.14 -7.19
CA PRO B 150 14.82 3.99 -6.03
C PRO B 150 14.05 5.30 -6.11
N ARG B 151 13.75 5.89 -4.95
CA ARG B 151 13.01 7.14 -4.85
C ARG B 151 13.44 8.22 -5.84
N GLU B 152 14.75 8.43 -5.96
CA GLU B 152 15.26 9.45 -6.87
C GLU B 152 15.14 9.12 -8.36
N ALA B 153 14.82 7.87 -8.66
CA ALA B 153 14.69 7.45 -10.06
C ALA B 153 13.25 7.33 -10.53
N ALA B 154 12.32 7.36 -9.58
CA ALA B 154 10.88 7.23 -9.87
C ALA B 154 10.32 8.15 -10.94
N GLN B 155 10.25 9.45 -10.63
CA GLN B 155 9.70 10.44 -11.56
C GLN B 155 10.30 10.31 -12.95
N LYS B 156 11.59 10.00 -13.02
CA LYS B 156 12.29 9.82 -14.28
C LYS B 156 11.72 8.62 -15.00
N ALA B 157 11.71 7.50 -14.31
CA ALA B 157 11.20 6.25 -14.88
C ALA B 157 9.75 6.42 -15.31
N ALA B 158 9.01 7.23 -14.57
CA ALA B 158 7.60 7.48 -14.88
C ALA B 158 7.45 8.18 -16.22
N ASP B 159 8.29 9.17 -16.48
CA ASP B 159 8.22 9.90 -17.74
C ASP B 159 8.49 8.94 -18.90
N LEU B 160 9.49 8.09 -18.73
CA LEU B 160 9.81 7.10 -19.76
C LEU B 160 8.62 6.18 -20.01
N LEU B 161 7.85 5.90 -18.97
CA LEU B 161 6.67 5.04 -19.10
C LEU B 161 5.54 5.77 -19.78
N VAL B 162 5.33 7.02 -19.42
CA VAL B 162 4.26 7.84 -20.00
C VAL B 162 4.50 7.99 -21.50
N ALA B 163 5.74 8.33 -21.86
CA ALA B 163 6.09 8.50 -23.26
C ALA B 163 5.99 7.17 -24.01
N ALA B 164 6.16 6.07 -23.29
CA ALA B 164 6.09 4.75 -23.91
C ALA B 164 4.65 4.32 -24.16
N GLY B 165 3.69 5.11 -23.68
CA GLY B 165 2.29 4.79 -23.87
C GLY B 165 1.71 3.85 -22.82
N ILE B 166 2.15 4.00 -21.58
CA ILE B 166 1.63 3.15 -20.51
C ILE B 166 0.27 3.69 -20.09
N LYS B 167 -0.63 2.80 -19.66
CA LYS B 167 -1.96 3.23 -19.25
C LYS B 167 -2.04 3.53 -17.76
N GLY B 168 -1.26 2.80 -16.96
CA GLY B 168 -1.30 3.01 -15.54
C GLY B 168 -0.02 2.67 -14.81
N ILE B 169 0.22 3.39 -13.72
CA ILE B 169 1.41 3.17 -12.93
C ILE B 169 1.09 2.82 -11.47
N LEU B 170 1.55 1.66 -11.02
CA LEU B 170 1.39 1.23 -9.64
C LEU B 170 2.73 1.68 -9.05
N ASN B 171 2.70 2.81 -8.35
CA ASN B 171 3.90 3.42 -7.77
C ASN B 171 4.29 2.99 -6.36
N PHE B 172 5.46 2.37 -6.24
CA PHE B 172 5.94 1.91 -4.95
C PHE B 172 6.96 2.87 -4.34
N ALA B 173 7.30 3.94 -5.08
CA ALA B 173 8.27 4.93 -4.61
C ALA B 173 7.58 6.03 -3.82
N PRO B 174 8.17 6.43 -2.68
CA PRO B 174 7.68 7.47 -1.76
C PRO B 174 7.78 8.90 -2.27
N VAL B 175 7.09 9.17 -3.37
CA VAL B 175 7.10 10.50 -3.97
C VAL B 175 5.82 10.66 -4.78
N VAL B 176 5.34 11.88 -4.92
CA VAL B 176 4.14 12.10 -5.71
C VAL B 176 4.59 12.23 -7.17
N LEU B 177 4.10 11.33 -8.02
CA LEU B 177 4.47 11.34 -9.43
C LEU B 177 3.69 12.37 -10.23
N GLU B 178 4.37 12.95 -11.22
CA GLU B 178 3.75 13.93 -12.10
C GLU B 178 3.53 13.27 -13.44
N VAL B 179 2.28 13.08 -13.81
CA VAL B 179 1.94 12.44 -15.07
C VAL B 179 0.72 13.12 -15.68
N PRO B 180 0.52 12.95 -17.00
CA PRO B 180 -0.64 13.57 -17.67
C PRO B 180 -1.93 12.92 -17.16
N LYS B 181 -2.97 13.73 -17.01
CA LYS B 181 -4.25 13.24 -16.50
C LYS B 181 -4.73 11.96 -17.19
N GLU B 182 -4.29 11.72 -18.43
CA GLU B 182 -4.71 10.52 -19.14
C GLU B 182 -4.09 9.25 -18.59
N VAL B 183 -3.06 9.39 -17.76
CA VAL B 183 -2.40 8.24 -17.17
C VAL B 183 -2.76 8.08 -15.69
N ALA B 184 -3.23 6.89 -15.34
CA ALA B 184 -3.61 6.60 -13.97
C ALA B 184 -2.41 6.22 -13.10
N VAL B 185 -2.42 6.68 -11.87
CA VAL B 185 -1.35 6.37 -10.94
C VAL B 185 -1.99 5.92 -9.64
N GLU B 186 -1.42 4.86 -9.06
CA GLU B 186 -1.91 4.35 -7.80
C GLU B 186 -0.65 4.09 -6.98
N ASN B 187 -0.61 4.63 -5.76
CA ASN B 187 0.55 4.44 -4.91
C ASN B 187 0.39 3.33 -3.87
N VAL B 188 1.48 2.62 -3.62
CA VAL B 188 1.53 1.58 -2.60
C VAL B 188 2.74 2.11 -1.83
N ASP B 189 2.48 2.65 -0.64
CA ASP B 189 3.48 3.33 0.16
C ASP B 189 3.61 2.72 1.56
N PHE B 190 4.53 1.78 1.73
CA PHE B 190 4.68 1.13 3.02
C PHE B 190 5.27 2.07 4.08
N LEU B 191 6.12 3.01 3.67
CA LEU B 191 6.68 3.97 4.63
C LEU B 191 5.57 4.87 5.17
N ALA B 192 4.65 5.30 4.30
CA ALA B 192 3.57 6.15 4.76
C ALA B 192 2.72 5.34 5.74
N GLY B 193 2.48 4.07 5.40
CA GLY B 193 1.70 3.20 6.27
C GLY B 193 2.34 3.10 7.65
N LEU B 194 3.66 2.96 7.68
CA LEU B 194 4.41 2.91 8.93
C LEU B 194 4.24 4.20 9.75
N THR B 195 4.41 5.32 9.07
CA THR B 195 4.28 6.63 9.74
C THR B 195 2.87 6.82 10.25
N ARG B 196 1.88 6.32 9.52
CA ARG B 196 0.50 6.44 9.99
C ARG B 196 0.31 5.64 11.27
N LEU B 197 0.98 4.49 11.38
CA LEU B 197 0.87 3.66 12.59
C LEU B 197 1.49 4.41 13.76
N SER B 198 2.58 5.11 13.50
CA SER B 198 3.26 5.89 14.52
C SER B 198 2.28 6.90 15.08
N PHE B 199 1.66 7.68 14.18
CA PHE B 199 0.70 8.68 14.59
C PHE B 199 -0.47 8.04 15.34
N ALA B 200 -0.97 6.93 14.82
CA ALA B 200 -2.10 6.24 15.43
C ALA B 200 -1.78 5.75 16.84
N ILE B 201 -0.62 5.13 17.01
CA ILE B 201 -0.21 4.62 18.31
C ILE B 201 -0.05 5.76 19.31
N LEU B 202 0.43 6.91 18.84
CA LEU B 202 0.64 8.07 19.68
C LEU B 202 -0.67 8.81 19.97
N ASN B 203 -1.70 8.54 19.17
CA ASN B 203 -2.97 9.21 19.36
C ASN B 203 -4.11 8.22 19.46
N PRO B 204 -4.10 7.38 20.50
CA PRO B 204 -5.14 6.38 20.71
C PRO B 204 -6.56 6.95 20.74
N LYS B 205 -6.76 8.02 21.52
CA LYS B 205 -8.06 8.64 21.63
C LYS B 205 -8.60 8.97 20.23
N TRP B 206 -7.80 9.69 19.46
CA TRP B 206 -8.17 10.08 18.10
C TRP B 206 -8.45 8.86 17.23
N ARG B 207 -7.61 7.84 17.37
CA ARG B 207 -7.78 6.62 16.59
C ARG B 207 -9.13 5.96 16.93
#